data_8EY4
#
_entry.id   8EY4
#
_cell.length_a   70.641
_cell.length_b   53.660
_cell.length_c   38.533
_cell.angle_alpha   90.000
_cell.angle_beta   102.550
_cell.angle_gamma   90.000
#
_symmetry.space_group_name_H-M   'C 1 2 1'
#
loop_
_entity.id
_entity.type
_entity.pdbx_description
1 polymer 'Cys_rich_CPCC domain-containing protein'
2 polymer 'PT-VENN domain-containing protein'
3 non-polymer 'FE (II) ION'
4 water water
#
loop_
_entity_poly.entity_id
_entity_poly.type
_entity_poly.pdbx_seq_one_letter_code
_entity_poly.pdbx_strand_id
1 'polypeptide(L)' MMNNGSYPCPCCGNKTIDEPGCYEICPICGWEDDPVQSADPDFSGGANSPSLNEAKRAFNEQAGHHHHHH I
2 'polypeptide(L)'
;KVEPVGNAYGHWTKHGKEFPEYQNAKQYVDAAHNF(MSE)TNPPPGTLTKTRPNGDTLYYNPVTNVFASKDINGVPRT
(MSE)FKPEKGIEYWNKQ
;
A
#
loop_
_chem_comp.id
_chem_comp.type
_chem_comp.name
_chem_comp.formula
FE2 non-polymer 'FE (II) ION' 'Fe 2'
#
# COMPACT_ATOMS: atom_id res chain seq x y z
N GLY A 5 -0.17 13.95 9.65
CA GLY A 5 -1.33 14.64 9.08
C GLY A 5 -1.12 15.98 8.36
N SER A 6 0.07 16.23 7.80
CA SER A 6 0.39 17.56 7.28
C SER A 6 1.00 17.55 5.88
N TYR A 7 0.81 16.45 5.09
CA TYR A 7 1.10 16.49 3.66
C TYR A 7 -0.19 16.34 2.87
N PRO A 8 -0.29 16.98 1.69
CA PRO A 8 -1.49 16.80 0.84
C PRO A 8 -1.63 15.38 0.32
N CYS A 9 -2.85 14.86 0.38
CA CYS A 9 -3.19 13.65 -0.33
C CYS A 9 -2.98 13.90 -1.83
N PRO A 10 -2.30 13.02 -2.54
CA PRO A 10 -2.09 13.25 -3.98
C PRO A 10 -3.37 13.20 -4.80
N CYS A 11 -4.44 12.62 -4.26
CA CYS A 11 -5.71 12.55 -5.00
C CYS A 11 -6.54 13.80 -4.71
N CYS A 12 -7.05 13.91 -3.49
CA CYS A 12 -7.96 15.00 -3.19
C CYS A 12 -7.26 16.31 -2.83
N GLY A 13 -5.96 16.30 -2.53
CA GLY A 13 -5.22 17.51 -2.22
C GLY A 13 -5.39 18.05 -0.81
N ASN A 14 -6.26 17.46 0.01
CA ASN A 14 -6.38 17.83 1.41
C ASN A 14 -5.24 17.27 2.25
N LYS A 15 -4.89 18.01 3.30
CA LYS A 15 -3.71 17.71 4.14
C LYS A 15 -4.06 16.61 5.13
N THR A 16 -3.92 15.35 4.69
CA THR A 16 -4.27 14.21 5.53
C THR A 16 -3.15 13.20 5.72
N ILE A 17 -1.99 13.42 5.10
CA ILE A 17 -0.95 12.41 5.02
C ILE A 17 0.13 12.76 6.02
N ASP A 18 0.57 11.75 6.78
CA ASP A 18 1.62 11.91 7.78
C ASP A 18 3.00 11.74 7.14
N GLU A 19 3.24 10.59 6.53
CA GLU A 19 4.50 10.30 5.86
C GLU A 19 4.20 10.13 4.38
N PRO A 20 4.66 10.99 3.49
CA PRO A 20 4.27 10.88 2.09
C PRO A 20 4.86 9.64 1.43
N GLY A 21 4.06 9.04 0.56
CA GLY A 21 4.57 7.91 -0.20
C GLY A 21 4.74 6.63 0.59
N CYS A 22 4.01 6.48 1.70
CA CYS A 22 4.16 5.35 2.61
C CYS A 22 2.84 4.59 2.76
N TYR A 23 1.99 4.63 1.73
CA TYR A 23 0.79 3.80 1.64
C TYR A 23 -0.26 4.11 2.71
N GLU A 24 -0.24 5.29 3.32
CA GLU A 24 -1.38 5.70 4.13
C GLU A 24 -2.62 5.80 3.27
N ILE A 25 -3.78 5.47 3.85
CA ILE A 25 -5.05 5.58 3.15
C ILE A 25 -5.73 6.88 3.59
N CYS A 26 -5.97 7.75 2.62
CA CYS A 26 -6.60 9.04 2.90
C CYS A 26 -7.99 8.80 3.46
N PRO A 27 -8.32 9.36 4.63
CA PRO A 27 -9.66 9.20 5.17
C PRO A 27 -10.75 9.97 4.44
N ILE A 28 -10.41 10.92 3.59
CA ILE A 28 -11.41 11.69 2.86
C ILE A 28 -11.81 11.00 1.56
N CYS A 29 -10.84 10.56 0.76
CA CYS A 29 -11.14 10.10 -0.58
C CYS A 29 -10.79 8.63 -0.79
N GLY A 30 -10.15 7.98 0.18
CA GLY A 30 -9.85 6.56 0.06
C GLY A 30 -8.60 6.21 -0.71
N TRP A 31 -7.90 7.19 -1.26
CA TRP A 31 -6.69 6.91 -2.05
C TRP A 31 -5.57 6.42 -1.14
N GLU A 32 -4.99 5.24 -1.47
CA GLU A 32 -3.81 4.76 -0.76
C GLU A 32 -2.57 5.40 -1.36
N ASP A 33 -1.74 6.00 -0.51
CA ASP A 33 -0.69 6.90 -0.99
C ASP A 33 0.52 6.07 -1.46
N ASP A 34 0.37 5.54 -2.66
CA ASP A 34 1.33 4.68 -3.34
C ASP A 34 2.30 5.52 -4.16
N PRO A 35 3.62 5.44 -3.91
CA PRO A 35 4.53 6.37 -4.58
C PRO A 35 4.74 6.04 -6.06
N VAL A 36 4.57 4.79 -6.46
CA VAL A 36 4.62 4.47 -7.89
C VAL A 36 3.50 5.18 -8.63
N GLN A 37 2.31 5.21 -8.03
CA GLN A 37 1.14 5.80 -8.70
C GLN A 37 1.12 7.32 -8.62
N SER A 38 1.73 7.94 -7.61
CA SER A 38 1.90 9.39 -7.69
C SER A 38 3.04 9.77 -8.65
N ALA A 39 4.09 8.96 -8.76
CA ALA A 39 5.14 9.29 -9.73
C ALA A 39 4.66 9.09 -11.17
N ASP A 40 3.70 8.19 -11.39
CA ASP A 40 3.12 7.95 -12.70
C ASP A 40 1.60 7.98 -12.55
N PRO A 41 0.99 9.16 -12.71
CA PRO A 41 -0.43 9.27 -12.36
C PRO A 41 -1.37 8.54 -13.29
N ASP A 42 -0.87 8.00 -14.41
CA ASP A 42 -1.71 7.20 -15.30
C ASP A 42 -1.56 5.71 -15.07
N PHE A 43 -0.81 5.28 -14.07
CA PHE A 43 -0.52 3.86 -13.85
C PHE A 43 -1.59 3.28 -12.94
N SER A 44 -2.47 2.45 -13.52
CA SER A 44 -3.47 1.76 -12.72
C SER A 44 -2.88 0.50 -12.11
N GLY A 45 -3.51 -0.02 -11.08
CA GLY A 45 -3.15 -1.38 -10.70
C GLY A 45 -1.95 -1.50 -9.80
N GLY A 46 -1.73 -0.52 -8.92
CA GLY A 46 -0.74 -0.66 -7.87
C GLY A 46 -1.48 -0.88 -6.56
N ALA A 47 -1.21 -0.09 -5.52
CA ALA A 47 -2.00 -0.26 -4.29
C ALA A 47 -3.46 0.06 -4.54
N ASN A 48 -3.74 0.96 -5.49
CA ASN A 48 -5.09 1.30 -5.91
C ASN A 48 -5.38 0.70 -7.28
N SER A 49 -6.60 0.20 -7.44
CA SER A 49 -7.02 -0.29 -8.75
C SER A 49 -7.01 0.82 -9.80
N PRO A 50 -7.64 1.98 -9.60
CA PRO A 50 -7.53 3.04 -10.60
C PRO A 50 -6.16 3.71 -10.57
N SER A 51 -5.83 4.35 -11.70
CA SER A 51 -4.73 5.30 -11.69
C SER A 51 -5.09 6.51 -10.82
N LEU A 52 -4.07 7.28 -10.47
CA LEU A 52 -4.30 8.52 -9.71
C LEU A 52 -5.20 9.47 -10.48
N ASN A 53 -4.99 9.59 -11.80
CA ASN A 53 -5.80 10.50 -12.60
C ASN A 53 -7.25 10.05 -12.66
N GLU A 54 -7.48 8.73 -12.71
CA GLU A 54 -8.85 8.23 -12.66
C GLU A 54 -9.48 8.54 -11.30
N ALA A 55 -8.71 8.39 -10.23
CA ALA A 55 -9.24 8.61 -8.89
C ALA A 55 -9.54 10.08 -8.65
N LYS A 56 -8.69 10.98 -9.15
CA LYS A 56 -8.95 12.41 -9.03
C LYS A 56 -10.19 12.81 -9.82
N ARG A 57 -10.33 12.30 -11.04
CA ARG A 57 -11.50 12.62 -11.83
C ARG A 57 -12.78 12.20 -11.12
N ALA A 58 -12.81 10.95 -10.65
CA ALA A 58 -13.97 10.47 -9.91
C ALA A 58 -14.23 11.30 -8.66
N PHE A 59 -13.18 11.58 -7.87
CA PHE A 59 -13.39 12.32 -6.63
C PHE A 59 -13.91 13.73 -6.88
N ASN A 60 -13.41 14.38 -7.93
CA ASN A 60 -13.87 15.75 -8.16
C ASN A 60 -15.34 15.82 -8.51
N GLU A 61 -15.95 14.71 -8.92
CA GLU A 61 -17.40 14.71 -9.07
C GLU A 61 -18.08 14.57 -7.71
N GLN A 62 -17.65 13.61 -6.91
CA GLN A 62 -18.05 13.50 -5.51
C GLN A 62 -17.95 14.85 -4.80
N LYS B 1 3.44 9.75 12.32
CA LYS B 1 3.21 8.39 11.86
C LYS B 1 1.78 7.97 12.17
N VAL B 2 1.11 7.35 11.20
CA VAL B 2 -0.30 7.03 11.35
C VAL B 2 -0.52 6.09 12.55
N GLU B 3 -1.67 6.25 13.21
CA GLU B 3 -2.04 5.36 14.30
C GLU B 3 -2.11 3.91 13.82
N PRO B 4 -1.44 2.95 14.49
CA PRO B 4 -1.29 1.63 13.87
C PRO B 4 -2.56 0.79 13.76
N VAL B 5 -3.45 0.85 14.75
CA VAL B 5 -4.67 0.03 14.66
C VAL B 5 -5.54 0.53 13.51
N GLY B 6 -5.70 1.85 13.39
CA GLY B 6 -6.43 2.40 12.27
C GLY B 6 -5.78 2.10 10.93
N ASN B 7 -4.44 2.14 10.89
CA ASN B 7 -3.76 1.80 9.65
C ASN B 7 -4.03 0.36 9.26
N ALA B 8 -3.99 -0.55 10.24
CA ALA B 8 -4.24 -1.96 9.96
C ALA B 8 -5.69 -2.18 9.52
N TYR B 9 -6.66 -1.60 10.24
CA TYR B 9 -8.06 -1.81 9.86
C TYR B 9 -8.37 -1.18 8.51
N GLY B 10 -7.82 -0.01 8.22
CA GLY B 10 -8.06 0.60 6.92
C GLY B 10 -7.53 -0.22 5.77
N HIS B 11 -6.34 -0.81 5.94
CA HIS B 11 -5.76 -1.64 4.89
C HIS B 11 -6.54 -2.95 4.74
N TRP B 12 -7.02 -3.52 5.84
CA TRP B 12 -7.86 -4.72 5.76
C TRP B 12 -9.18 -4.44 5.03
N THR B 13 -9.82 -3.31 5.30
CA THR B 13 -11.01 -2.95 4.55
C THR B 13 -10.71 -2.82 3.06
N LYS B 14 -9.55 -2.25 2.73
CA LYS B 14 -9.25 -1.97 1.32
C LYS B 14 -8.81 -3.21 0.57
N HIS B 15 -8.04 -4.07 1.22
CA HIS B 15 -7.38 -5.18 0.54
C HIS B 15 -7.87 -6.56 0.98
N GLY B 16 -8.80 -6.62 1.92
CA GLY B 16 -9.19 -7.92 2.45
C GLY B 16 -9.74 -8.87 1.39
N LYS B 17 -10.45 -8.34 0.39
CA LYS B 17 -11.00 -9.18 -0.67
C LYS B 17 -9.91 -9.93 -1.43
N GLU B 18 -8.68 -9.41 -1.43
CA GLU B 18 -7.55 -10.07 -2.05
C GLU B 18 -7.00 -11.25 -1.25
N PHE B 19 -7.47 -11.44 -0.02
CA PHE B 19 -6.93 -12.45 0.88
C PHE B 19 -8.08 -13.16 1.58
N PRO B 20 -8.90 -13.91 0.83
CA PRO B 20 -10.09 -14.52 1.43
C PRO B 20 -9.76 -15.62 2.43
N GLU B 21 -8.51 -16.06 2.50
CA GLU B 21 -8.12 -17.01 3.54
C GLU B 21 -8.12 -16.38 4.93
N TYR B 22 -8.13 -15.06 5.04
CA TYR B 22 -8.15 -14.36 6.32
C TYR B 22 -9.54 -13.80 6.57
N GLN B 23 -9.92 -13.76 7.86
CA GLN B 23 -11.26 -13.31 8.27
C GLN B 23 -11.27 -12.00 9.03
N ASN B 24 -10.13 -11.50 9.52
CA ASN B 24 -10.15 -10.26 10.28
C ASN B 24 -8.84 -9.52 10.09
N ALA B 25 -8.84 -8.24 10.49
CA ALA B 25 -7.64 -7.43 10.29
C ALA B 25 -6.44 -7.96 11.06
N LYS B 26 -6.67 -8.66 12.18
CA LYS B 26 -5.52 -9.14 12.94
C LYS B 26 -4.81 -10.25 12.17
N GLN B 27 -5.57 -11.16 11.56
CA GLN B 27 -4.96 -12.21 10.75
C GLN B 27 -4.21 -11.62 9.57
N TYR B 28 -4.76 -10.54 9.01
CA TYR B 28 -4.13 -9.88 7.87
C TYR B 28 -2.80 -9.28 8.26
N VAL B 29 -2.77 -8.55 9.37
CA VAL B 29 -1.52 -7.95 9.86
C VAL B 29 -0.53 -9.05 10.26
N ASP B 30 -0.99 -10.07 10.99
CA ASP B 30 -0.10 -11.19 11.31
C ASP B 30 0.54 -11.76 10.04
N ALA B 31 -0.28 -11.93 9.01
CA ALA B 31 0.24 -12.53 7.78
C ALA B 31 1.25 -11.61 7.12
N ALA B 32 1.02 -10.30 7.16
CA ALA B 32 1.99 -9.36 6.60
C ALA B 32 3.31 -9.42 7.37
N HIS B 33 3.21 -9.45 8.71
CA HIS B 33 4.42 -9.54 9.51
C HIS B 33 5.17 -10.82 9.20
N ASN B 34 4.45 -11.95 9.09
CA ASN B 34 5.07 -13.25 8.85
C ASN B 34 5.74 -13.29 7.50
N PHE B 35 5.07 -12.73 6.48
CA PHE B 35 5.61 -12.61 5.13
C PHE B 35 6.94 -11.87 5.13
N MSE B 36 7.06 -10.78 5.87
CA MSE B 36 8.29 -10.01 5.80
C MSE B 36 9.35 -10.46 6.77
O MSE B 36 10.50 -10.10 6.64
CB MSE B 36 8.00 -8.50 5.97
CG MSE B 36 7.04 -8.05 4.93
SE MSE B 36 6.69 -6.13 5.04
CE MSE B 36 5.13 -6.21 6.21
N THR B 37 8.94 -11.25 7.75
CA THR B 37 9.90 -11.81 8.70
C THR B 37 10.45 -13.14 8.21
N ASN B 38 9.62 -13.94 7.55
CA ASN B 38 10.01 -15.23 7.00
C ASN B 38 9.59 -15.28 5.54
N PRO B 39 10.24 -14.47 4.69
CA PRO B 39 9.81 -14.38 3.29
C PRO B 39 9.94 -15.71 2.58
N PRO B 40 8.90 -16.17 1.88
CA PRO B 40 9.01 -17.45 1.13
C PRO B 40 10.02 -17.33 0.01
N PRO B 41 10.56 -18.45 -0.47
CA PRO B 41 11.44 -18.42 -1.66
C PRO B 41 10.82 -17.63 -2.79
N GLY B 42 11.66 -16.88 -3.50
CA GLY B 42 11.24 -16.03 -4.59
C GLY B 42 10.76 -14.64 -4.18
N THR B 43 10.82 -14.29 -2.90
CA THR B 43 10.42 -12.95 -2.46
C THR B 43 11.59 -11.99 -2.72
N LEU B 44 11.32 -10.92 -3.45
CA LEU B 44 12.32 -9.94 -3.84
C LEU B 44 12.21 -8.75 -2.89
N THR B 45 13.31 -8.03 -2.71
CA THR B 45 13.27 -6.92 -1.75
C THR B 45 14.01 -5.71 -2.29
N LYS B 46 13.58 -4.54 -1.82
CA LYS B 46 14.18 -3.25 -2.13
C LYS B 46 14.11 -2.40 -0.87
N THR B 47 15.03 -1.44 -0.74
CA THR B 47 15.01 -0.51 0.38
C THR B 47 14.67 0.88 -0.11
N ARG B 48 13.88 1.62 0.67
CA ARG B 48 13.59 2.97 0.23
C ARG B 48 14.43 3.99 0.99
N PRO B 49 14.47 5.24 0.51
CA PRO B 49 15.37 6.23 1.13
C PRO B 49 15.13 6.48 2.60
N ASN B 50 13.91 6.23 3.11
CA ASN B 50 13.58 6.45 4.52
C ASN B 50 13.79 5.21 5.36
N GLY B 51 14.38 4.15 4.79
CA GLY B 51 14.65 2.93 5.50
C GLY B 51 13.56 1.89 5.44
N ASP B 52 12.41 2.21 4.87
CA ASP B 52 11.40 1.19 4.62
C ASP B 52 11.99 0.07 3.77
N THR B 53 11.55 -1.15 4.03
CA THR B 53 11.84 -2.27 3.13
C THR B 53 10.58 -2.68 2.39
N LEU B 54 10.71 -2.92 1.08
CA LEU B 54 9.63 -3.43 0.25
C LEU B 54 9.84 -4.90 -0.07
N TYR B 55 8.74 -5.65 -0.16
CA TYR B 55 8.78 -7.08 -0.43
C TYR B 55 7.81 -7.42 -1.54
N TYR B 56 8.23 -8.30 -2.46
CA TYR B 56 7.29 -8.72 -3.50
C TYR B 56 7.60 -10.15 -3.89
N ASN B 57 6.59 -11.00 -3.86
CA ASN B 57 6.76 -12.39 -4.32
C ASN B 57 5.98 -12.58 -5.60
N PRO B 58 6.65 -12.75 -6.74
CA PRO B 58 5.92 -12.87 -8.01
C PRO B 58 5.04 -14.11 -8.09
N VAL B 59 5.36 -15.18 -7.33
CA VAL B 59 4.56 -16.41 -7.41
C VAL B 59 3.18 -16.18 -6.81
N THR B 60 3.12 -15.53 -5.65
CA THR B 60 1.83 -15.30 -5.01
C THR B 60 1.25 -13.94 -5.37
N ASN B 61 2.04 -13.09 -6.03
CA ASN B 61 1.68 -11.71 -6.37
C ASN B 61 1.46 -10.86 -5.13
N VAL B 62 2.19 -11.12 -4.05
CA VAL B 62 1.98 -10.39 -2.79
C VAL B 62 3.05 -9.32 -2.64
N PHE B 63 2.62 -8.07 -2.53
CA PHE B 63 3.50 -6.96 -2.19
C PHE B 63 3.26 -6.52 -0.74
N ALA B 64 4.32 -6.18 -0.02
CA ALA B 64 4.17 -5.63 1.33
C ALA B 64 5.33 -4.70 1.63
N SER B 65 5.14 -3.82 2.61
N SER B 65 5.14 -3.82 2.61
CA SER B 65 6.21 -2.93 3.03
CA SER B 65 6.23 -2.96 3.03
C SER B 65 6.14 -2.73 4.53
C SER B 65 6.13 -2.69 4.52
N LYS B 66 7.29 -2.43 5.12
CA LYS B 66 7.37 -2.15 6.55
C LYS B 66 8.38 -1.04 6.77
N ASP B 67 8.28 -0.34 7.92
CA ASP B 67 9.24 0.72 8.19
C ASP B 67 10.52 0.13 8.78
N ILE B 68 11.48 1.00 9.14
CA ILE B 68 12.79 0.52 9.58
C ILE B 68 12.72 -0.25 10.89
N ASN B 69 11.63 -0.10 11.63
CA ASN B 69 11.43 -0.81 12.88
C ASN B 69 10.49 -2.00 12.73
N GLY B 70 10.19 -2.40 11.50
CA GLY B 70 9.38 -3.58 11.24
C GLY B 70 7.88 -3.37 11.28
N VAL B 71 7.40 -2.16 11.50
CA VAL B 71 5.97 -1.86 11.54
C VAL B 71 5.41 -1.92 10.12
N PRO B 72 4.45 -2.79 9.84
CA PRO B 72 3.95 -2.92 8.47
C PRO B 72 3.28 -1.63 8.00
N ARG B 73 3.47 -1.31 6.72
CA ARG B 73 2.76 -0.20 6.07
C ARG B 73 1.54 -0.69 5.31
N THR B 74 1.70 -1.77 4.53
CA THR B 74 0.64 -2.24 3.64
C THR B 74 0.92 -3.67 3.22
N MSE B 75 -0.12 -4.35 2.77
CA MSE B 75 0.05 -5.61 2.03
C MSE B 75 -1.09 -5.75 1.05
O MSE B 75 -2.28 -5.54 1.43
CB MSE B 75 0.12 -6.86 2.95
CG MSE B 75 0.08 -8.12 2.13
SE MSE B 75 0.44 -9.73 3.25
CE MSE B 75 -1.38 -9.86 4.09
N PHE B 76 -0.77 -6.04 -0.21
CA PHE B 76 -1.79 -6.13 -1.24
C PHE B 76 -1.24 -6.94 -2.41
N LYS B 77 -2.14 -7.27 -3.33
CA LYS B 77 -1.83 -7.96 -4.56
C LYS B 77 -2.04 -7.01 -5.73
N PRO B 78 -0.98 -6.41 -6.29
CA PRO B 78 -1.16 -5.42 -7.36
C PRO B 78 -1.69 -6.06 -8.62
N GLU B 79 -2.68 -5.42 -9.24
CA GLU B 79 -3.21 -5.95 -10.49
C GLU B 79 -2.12 -6.05 -11.55
N LYS B 80 -1.14 -5.14 -11.54
CA LYS B 80 -0.05 -5.13 -12.52
C LYS B 80 1.06 -6.12 -12.22
N GLY B 81 1.08 -6.73 -11.04
CA GLY B 81 2.01 -7.84 -10.83
C GLY B 81 3.44 -7.35 -10.90
N ILE B 82 4.30 -8.12 -11.58
CA ILE B 82 5.73 -7.79 -11.58
C ILE B 82 5.99 -6.42 -12.21
N GLU B 83 5.11 -5.98 -13.10
CA GLU B 83 5.31 -4.67 -13.70
C GLU B 83 5.29 -3.57 -12.64
N TYR B 84 4.43 -3.72 -11.64
CA TYR B 84 4.42 -2.82 -10.49
C TYR B 84 5.75 -2.86 -9.76
N TRP B 85 6.29 -4.06 -9.51
CA TRP B 85 7.57 -4.17 -8.82
C TRP B 85 8.67 -3.48 -9.60
N ASN B 86 8.73 -3.73 -10.91
CA ASN B 86 9.83 -3.18 -11.70
C ASN B 86 9.71 -1.68 -11.91
N LYS B 87 8.62 -1.06 -11.47
CA LYS B 87 8.48 0.39 -11.55
C LYS B 87 9.13 1.11 -10.39
N GLN B 88 9.53 0.41 -9.34
CA GLN B 88 10.24 1.12 -8.30
C GLN B 88 11.66 0.62 -8.11
FE FE2 C . -7.45 12.16 -0.30
#